data_1OOA
#
_entry.id   1OOA
#
_cell.length_a   76.753
_cell.length_b   151.059
_cell.length_c   95.628
_cell.angle_alpha   90.00
_cell.angle_beta   105.95
_cell.angle_gamma   90.00
#
_symmetry.space_group_name_H-M   'C 1 2 1'
#
loop_
_entity.id
_entity.type
_entity.pdbx_description
1 polymer 'RNA aptamer'
2 polymer 'Nuclear factor NF-kappa-B p105 subunit'
3 water water
#
loop_
_entity_poly.entity_id
_entity_poly.type
_entity_poly.pdbx_seq_one_letter_code
_entity_poly.pdbx_strand_id
1 'polyribonucleotide' CAUACUUGAAACUGUAAGGUUGGCGUAUG C,D
2 'polypeptide(L)'
;GGPYLQILEQPKQRGFRFRYVCEGPSHGGLPGASSEKNKKSYPQVKICNYVGPAKVIVQLVTNGKNIHLHAHSLVGKHCE
DGVCTVTAGPKDMVVGFANLGILHVTKKKVFETLEARMTEACIRGYNPGLLVHSDLAYLQAEGGGDRQLTDREKEIIRQA
AVQQTKEMDLSVVRLMFTAFLPDSTGSFTRRLEPVVSDAIYDSKAPNASNLKIVRMDRTAGCVTGGEEIYLLCDKVQKDD
IQIRFYEEEENGGVWEGFGDFSPTDVHRQFAIVFKTPKYKDVNITKPASVFVQLRRKSDLETSEPKPFLYYPEIKDKEEV
QRKRQK
;
A,B
#
# COMPACT_ATOMS: atom_id res chain seq x y z
N GLY C 1 -65.83 -4.91 0.78
CA GLY C 1 -64.82 -5.40 -0.21
C GLY C 1 -64.80 -6.91 -0.29
N GLY C 2 -64.45 -7.45 -1.46
CA GLY C 2 -64.40 -8.90 -1.61
C GLY C 2 -63.04 -9.48 -1.26
N PRO C 3 -62.54 -10.46 -2.05
CA PRO C 3 -61.24 -11.11 -1.81
C PRO C 3 -60.03 -10.24 -2.17
N TYR C 4 -59.03 -10.21 -1.28
CA TYR C 4 -57.84 -9.45 -1.55
C TYR C 4 -56.59 -10.17 -0.99
N LEU C 5 -55.42 -9.78 -1.47
CA LEU C 5 -54.17 -10.36 -1.04
C LEU C 5 -53.55 -9.41 0.00
N GLN C 6 -52.85 -9.97 0.98
CA GLN C 6 -52.25 -9.16 2.01
C GLN C 6 -50.88 -9.72 2.42
N ILE C 7 -49.89 -8.85 2.49
CA ILE C 7 -48.56 -9.25 2.87
C ILE C 7 -48.49 -9.30 4.39
N LEU C 8 -48.26 -10.50 4.95
CA LEU C 8 -48.15 -10.69 6.40
C LEU C 8 -46.75 -10.37 6.89
N GLU C 9 -45.74 -10.68 6.08
CA GLU C 9 -44.36 -10.37 6.44
C GLU C 9 -43.62 -9.95 5.18
N GLN C 10 -43.06 -8.74 5.23
CA GLN C 10 -42.30 -8.17 4.11
C GLN C 10 -40.93 -8.80 4.06
N PRO C 11 -40.30 -8.76 2.88
CA PRO C 11 -38.96 -9.33 2.81
C PRO C 11 -38.07 -8.36 3.58
N LYS C 12 -36.93 -8.82 4.08
CA LYS C 12 -36.04 -7.88 4.77
C LYS C 12 -35.47 -7.01 3.65
N GLN C 13 -35.34 -5.71 3.92
CA GLN C 13 -34.84 -4.80 2.90
C GLN C 13 -33.35 -4.89 2.61
N ARG C 14 -32.53 -5.05 3.65
CA ARG C 14 -31.10 -5.07 3.43
C ARG C 14 -30.32 -6.26 3.98
N GLY C 15 -29.14 -6.49 3.41
CA GLY C 15 -28.29 -7.58 3.86
C GLY C 15 -28.26 -8.81 2.97
N PHE C 16 -29.11 -8.83 1.94
CA PHE C 16 -29.16 -9.98 1.05
C PHE C 16 -28.37 -9.76 -0.24
N ARG C 17 -27.66 -10.79 -0.69
CA ARG C 17 -26.87 -10.69 -1.91
C ARG C 17 -27.53 -11.29 -3.14
N PHE C 18 -27.59 -10.51 -4.22
CA PHE C 18 -28.16 -11.00 -5.48
C PHE C 18 -27.06 -11.87 -6.06
N ARG C 19 -27.45 -12.96 -6.70
CA ARG C 19 -26.48 -13.87 -7.29
C ARG C 19 -26.58 -13.98 -8.79
N TYR C 20 -25.43 -13.99 -9.45
CA TYR C 20 -25.36 -14.14 -10.90
C TYR C 20 -25.40 -15.65 -11.26
N VAL C 21 -25.79 -15.94 -12.51
CA VAL C 21 -25.87 -17.32 -12.98
C VAL C 21 -24.57 -18.11 -12.77
N CYS C 22 -23.45 -17.51 -13.12
CA CYS C 22 -22.14 -18.15 -13.01
C CYS C 22 -21.69 -18.48 -11.60
N GLU C 23 -22.42 -18.02 -10.60
CA GLU C 23 -22.03 -18.26 -9.22
C GLU C 23 -22.48 -19.58 -8.63
N GLY C 24 -23.28 -20.32 -9.38
CA GLY C 24 -23.76 -21.59 -8.85
C GLY C 24 -25.09 -21.46 -8.12
N PRO C 25 -25.68 -22.58 -7.69
CA PRO C 25 -26.96 -22.58 -6.99
C PRO C 25 -26.92 -22.52 -5.47
N SER C 26 -28.12 -22.50 -4.89
CA SER C 26 -28.34 -22.49 -3.46
C SER C 26 -27.40 -21.66 -2.61
N HIS C 27 -27.50 -20.33 -2.69
CA HIS C 27 -26.62 -19.51 -1.89
C HIS C 27 -27.36 -18.85 -0.73
N GLY C 28 -28.58 -19.32 -0.49
CA GLY C 28 -29.35 -18.78 0.61
C GLY C 28 -30.66 -18.13 0.20
N GLY C 29 -31.67 -18.26 1.05
CA GLY C 29 -32.97 -17.69 0.74
C GLY C 29 -33.16 -16.28 1.22
N LEU C 30 -34.08 -15.58 0.56
CA LEU C 30 -34.43 -14.20 0.90
C LEU C 30 -35.12 -14.21 2.27
N PRO C 31 -34.57 -13.48 3.25
CA PRO C 31 -35.15 -13.41 4.60
C PRO C 31 -36.38 -12.52 4.72
N GLY C 32 -37.25 -12.86 5.66
CA GLY C 32 -38.42 -12.04 5.93
C GLY C 32 -37.95 -10.88 6.80
N ALA C 33 -38.78 -9.87 6.97
CA ALA C 33 -38.41 -8.68 7.77
C ALA C 33 -38.15 -8.94 9.24
N SER C 34 -38.75 -10.00 9.79
CA SER C 34 -38.60 -10.33 11.19
C SER C 34 -37.63 -11.48 11.41
N SER C 35 -37.12 -12.02 10.32
CA SER C 35 -36.19 -13.14 10.38
C SER C 35 -35.00 -12.87 11.28
N GLU C 36 -34.58 -13.90 12.00
CA GLU C 36 -33.43 -13.82 12.91
C GLU C 36 -32.56 -15.04 12.70
N LYS C 37 -31.35 -14.99 13.23
CA LYS C 37 -30.46 -16.13 13.07
C LYS C 37 -30.98 -17.35 13.83
N ASN C 38 -31.77 -17.11 14.86
CA ASN C 38 -32.34 -18.19 15.65
C ASN C 38 -33.74 -18.53 15.15
N LYS C 39 -34.55 -17.51 14.97
CA LYS C 39 -35.93 -17.69 14.50
C LYS C 39 -36.05 -17.20 13.06
N LYS C 40 -35.70 -18.03 12.10
CA LYS C 40 -35.77 -17.64 10.69
C LYS C 40 -37.17 -17.56 10.07
N SER C 41 -37.51 -16.40 9.52
CA SER C 41 -38.80 -16.22 8.87
C SER C 41 -38.60 -15.80 7.41
N TYR C 42 -39.68 -15.81 6.65
CA TYR C 42 -39.60 -15.48 5.22
C TYR C 42 -40.78 -14.65 4.73
N PRO C 43 -40.70 -14.12 3.50
CA PRO C 43 -41.84 -13.33 3.02
C PRO C 43 -43.07 -14.21 3.14
N GLN C 44 -44.22 -13.61 3.43
CA GLN C 44 -45.43 -14.37 3.63
C GLN C 44 -46.65 -13.51 3.35
N VAL C 45 -47.59 -14.03 2.56
CA VAL C 45 -48.81 -13.31 2.24
C VAL C 45 -50.02 -14.15 2.63
N LYS C 46 -51.20 -13.55 2.58
CA LYS C 46 -52.42 -14.26 2.94
C LYS C 46 -53.59 -13.78 2.09
N ILE C 47 -54.42 -14.73 1.68
CA ILE C 47 -55.60 -14.39 0.90
C ILE C 47 -56.76 -14.19 1.89
N CYS C 48 -57.35 -13.00 1.89
CA CYS C 48 -58.46 -12.67 2.78
C CYS C 48 -59.82 -12.65 2.10
N ASN C 49 -60.87 -12.86 2.90
CA ASN C 49 -62.26 -12.92 2.45
C ASN C 49 -62.52 -13.97 1.40
N TYR C 50 -61.80 -15.08 1.49
CA TYR C 50 -61.96 -16.19 0.57
C TYR C 50 -61.23 -17.39 1.15
N VAL C 51 -61.85 -18.55 1.06
CA VAL C 51 -61.23 -19.76 1.54
C VAL C 51 -61.51 -20.88 0.56
N GLY C 52 -60.44 -21.39 -0.03
CA GLY C 52 -60.56 -22.45 -1.00
C GLY C 52 -59.30 -22.49 -1.82
N PRO C 53 -59.28 -23.24 -2.94
CA PRO C 53 -58.10 -23.33 -3.81
C PRO C 53 -57.74 -21.94 -4.32
N ALA C 54 -56.45 -21.72 -4.58
CA ALA C 54 -55.98 -20.44 -5.08
C ALA C 54 -54.55 -20.55 -5.57
N LYS C 55 -54.22 -19.73 -6.54
CA LYS C 55 -52.87 -19.69 -7.11
C LYS C 55 -52.28 -18.31 -6.80
N VAL C 56 -51.02 -18.30 -6.33
CA VAL C 56 -50.32 -17.06 -6.01
C VAL C 56 -48.99 -17.05 -6.76
N ILE C 57 -48.73 -16.01 -7.54
CA ILE C 57 -47.48 -15.93 -8.27
C ILE C 57 -46.65 -14.79 -7.72
N VAL C 58 -45.33 -14.90 -7.81
CA VAL C 58 -44.44 -13.85 -7.35
C VAL C 58 -43.53 -13.43 -8.50
N GLN C 59 -43.54 -12.15 -8.84
CA GLN C 59 -42.69 -11.64 -9.91
C GLN C 59 -41.78 -10.57 -9.33
N LEU C 60 -40.61 -10.39 -9.94
CA LEU C 60 -39.70 -9.34 -9.51
C LEU C 60 -40.05 -8.09 -10.33
N VAL C 61 -40.27 -6.96 -9.67
CA VAL C 61 -40.58 -5.73 -10.38
C VAL C 61 -39.66 -4.58 -9.99
N THR C 62 -39.74 -3.47 -10.73
CA THR C 62 -38.88 -2.32 -10.50
C THR C 62 -39.28 -1.42 -9.35
N ASN C 63 -38.31 -0.63 -8.89
CA ASN C 63 -38.51 0.27 -7.77
C ASN C 63 -38.71 1.73 -8.16
N GLY C 64 -39.16 1.97 -9.38
CA GLY C 64 -39.37 3.36 -9.79
C GLY C 64 -40.77 3.87 -9.48
N LYS C 65 -41.13 5.00 -10.09
CA LYS C 65 -42.45 5.60 -9.90
C LYS C 65 -43.50 4.75 -10.63
N ASN C 66 -43.12 4.23 -11.80
CA ASN C 66 -44.02 3.38 -12.57
C ASN C 66 -43.50 1.96 -12.54
N ILE C 67 -44.20 1.10 -11.80
CA ILE C 67 -43.81 -0.30 -11.67
C ILE C 67 -43.70 -1.01 -13.02
N HIS C 68 -42.63 -1.78 -13.20
CA HIS C 68 -42.42 -2.56 -14.42
C HIS C 68 -41.78 -3.91 -14.07
N LEU C 69 -41.76 -4.83 -15.04
CA LEU C 69 -41.13 -6.12 -14.82
C LEU C 69 -39.66 -5.85 -14.68
N HIS C 70 -38.99 -6.59 -13.80
CA HIS C 70 -37.57 -6.40 -13.65
C HIS C 70 -36.87 -7.44 -14.50
N ALA C 71 -35.61 -7.19 -14.83
CA ALA C 71 -34.85 -8.13 -15.65
C ALA C 71 -34.37 -9.32 -14.84
N HIS C 72 -34.22 -9.14 -13.53
CA HIS C 72 -33.76 -10.24 -12.68
C HIS C 72 -34.79 -11.35 -12.55
N SER C 73 -34.32 -12.50 -12.09
CA SER C 73 -35.19 -13.66 -11.95
C SER C 73 -35.26 -14.17 -10.53
N LEU C 74 -36.44 -14.66 -10.16
CA LEU C 74 -36.65 -15.24 -8.85
C LEU C 74 -36.27 -16.69 -9.12
N VAL C 75 -35.42 -17.27 -8.28
CA VAL C 75 -34.99 -18.63 -8.49
C VAL C 75 -35.06 -19.40 -7.17
N GLY C 76 -35.13 -20.74 -7.26
CA GLY C 76 -35.23 -21.56 -6.06
C GLY C 76 -36.54 -22.33 -5.94
N LYS C 77 -36.94 -22.60 -4.70
CA LYS C 77 -38.17 -23.35 -4.39
C LYS C 77 -39.40 -22.86 -5.15
N HIS C 78 -39.96 -23.76 -5.98
CA HIS C 78 -41.16 -23.49 -6.78
C HIS C 78 -40.99 -22.43 -7.85
N CYS C 79 -39.75 -22.14 -8.21
CA CYS C 79 -39.51 -21.13 -9.22
C CYS C 79 -39.21 -21.72 -10.58
N GLU C 80 -39.63 -21.00 -11.61
CA GLU C 80 -39.42 -21.40 -12.99
C GLU C 80 -39.57 -20.15 -13.85
N ASP C 81 -38.62 -19.94 -14.75
CA ASP C 81 -38.64 -18.79 -15.64
C ASP C 81 -38.72 -17.47 -14.89
N GLY C 82 -38.03 -17.40 -13.76
CA GLY C 82 -38.00 -16.17 -12.97
C GLY C 82 -39.22 -15.86 -12.14
N VAL C 83 -40.20 -16.76 -12.16
CA VAL C 83 -41.44 -16.57 -11.41
C VAL C 83 -41.70 -17.66 -10.39
N CYS C 84 -42.13 -17.26 -9.19
CA CYS C 84 -42.46 -18.24 -8.13
C CYS C 84 -43.98 -18.50 -8.17
N THR C 85 -44.35 -19.78 -8.24
CA THR C 85 -45.76 -20.16 -8.28
C THR C 85 -46.07 -21.25 -7.27
N VAL C 86 -46.87 -20.89 -6.28
CA VAL C 86 -47.29 -21.82 -5.24
C VAL C 86 -48.81 -21.81 -5.19
N THR C 87 -49.39 -22.88 -4.65
CA THR C 87 -50.83 -22.93 -4.54
C THR C 87 -51.14 -22.61 -3.09
N ALA C 88 -52.34 -22.09 -2.85
CA ALA C 88 -52.75 -21.79 -1.50
C ALA C 88 -53.80 -22.85 -1.23
N GLY C 89 -53.43 -23.83 -0.40
CA GLY C 89 -54.29 -24.95 -0.03
C GLY C 89 -55.73 -24.54 0.18
N PRO C 90 -56.67 -25.48 0.02
CA PRO C 90 -58.11 -25.24 0.18
C PRO C 90 -58.57 -24.77 1.54
N LYS C 91 -57.74 -24.95 2.56
CA LYS C 91 -58.11 -24.54 3.92
C LYS C 91 -57.22 -23.44 4.49
N ASP C 92 -55.91 -23.60 4.33
CA ASP C 92 -54.95 -22.63 4.83
C ASP C 92 -54.74 -21.59 3.72
N MET C 93 -55.08 -20.33 3.99
CA MET C 93 -54.91 -19.29 2.98
C MET C 93 -53.63 -18.47 3.14
N VAL C 94 -52.75 -18.93 4.03
CA VAL C 94 -51.47 -18.25 4.27
C VAL C 94 -50.35 -18.94 3.48
N VAL C 95 -49.62 -18.19 2.66
CA VAL C 95 -48.52 -18.74 1.87
C VAL C 95 -47.19 -18.11 2.26
N GLY C 96 -46.16 -18.95 2.41
CA GLY C 96 -44.83 -18.46 2.78
C GLY C 96 -43.87 -18.69 1.63
N PHE C 97 -42.73 -17.99 1.63
CA PHE C 97 -41.80 -18.17 0.52
C PHE C 97 -40.34 -18.34 0.91
N ALA C 98 -40.01 -19.50 1.42
CA ALA C 98 -38.63 -19.79 1.82
C ALA C 98 -37.77 -20.18 0.60
N ASN C 99 -36.46 -20.15 0.79
CA ASN C 99 -35.49 -20.48 -0.23
C ASN C 99 -35.72 -19.76 -1.56
N LEU C 100 -35.82 -18.45 -1.46
CA LEU C 100 -36.00 -17.59 -2.63
C LEU C 100 -34.67 -16.87 -2.87
N GLY C 101 -34.14 -16.98 -4.08
CA GLY C 101 -32.91 -16.30 -4.42
C GLY C 101 -33.21 -15.32 -5.56
N ILE C 102 -32.45 -14.23 -5.64
CA ILE C 102 -32.63 -13.22 -6.67
C ILE C 102 -31.48 -13.35 -7.65
N LEU C 103 -31.76 -13.84 -8.84
CA LEU C 103 -30.77 -14.04 -9.89
C LEU C 103 -30.53 -12.73 -10.65
N HIS C 104 -29.36 -12.14 -10.43
CA HIS C 104 -28.92 -10.88 -11.04
C HIS C 104 -28.45 -11.09 -12.48
N VAL C 105 -29.16 -10.52 -13.45
CA VAL C 105 -28.75 -10.68 -14.84
C VAL C 105 -27.50 -9.84 -15.04
N THR C 106 -26.77 -10.11 -16.12
CA THR C 106 -25.57 -9.35 -16.41
C THR C 106 -26.00 -8.12 -17.17
N LYS C 107 -25.20 -7.05 -17.05
CA LYS C 107 -25.50 -5.82 -17.76
C LYS C 107 -25.69 -6.10 -19.24
N LYS C 108 -24.81 -6.91 -19.81
CA LYS C 108 -24.90 -7.23 -21.24
C LYS C 108 -26.17 -7.97 -21.65
N LYS C 109 -26.72 -8.80 -20.77
CA LYS C 109 -27.92 -9.56 -21.10
C LYS C 109 -29.23 -8.94 -20.58
N VAL C 110 -29.16 -7.72 -20.08
CA VAL C 110 -30.35 -7.06 -19.54
C VAL C 110 -31.49 -6.95 -20.55
N PHE C 111 -31.24 -6.35 -21.69
CA PHE C 111 -32.26 -6.15 -22.72
C PHE C 111 -32.93 -7.41 -23.27
N GLU C 112 -32.15 -8.39 -23.71
CA GLU C 112 -32.75 -9.63 -24.24
C GLU C 112 -33.47 -10.42 -23.15
N THR C 113 -32.96 -10.39 -21.92
CA THR C 113 -33.57 -11.12 -20.82
C THR C 113 -34.90 -10.49 -20.48
N LEU C 114 -34.94 -9.16 -20.51
CA LEU C 114 -36.15 -8.42 -20.19
C LEU C 114 -37.21 -8.71 -21.24
N GLU C 115 -36.78 -8.72 -22.50
CA GLU C 115 -37.66 -8.98 -23.62
C GLU C 115 -38.31 -10.36 -23.48
N ALA C 116 -37.51 -11.34 -23.06
CA ALA C 116 -37.99 -12.70 -22.88
C ALA C 116 -39.02 -12.78 -21.75
N ARG C 117 -38.78 -12.01 -20.68
CA ARG C 117 -39.68 -11.99 -19.52
C ARG C 117 -41.04 -11.37 -19.82
N MET C 118 -41.02 -10.25 -20.52
CA MET C 118 -42.28 -9.58 -20.87
C MET C 118 -43.09 -10.55 -21.74
N THR C 119 -42.39 -11.27 -22.62
CA THR C 119 -43.05 -12.22 -23.50
C THR C 119 -43.74 -13.30 -22.65
N GLU C 120 -42.97 -13.95 -21.78
CA GLU C 120 -43.55 -14.99 -20.92
C GLU C 120 -44.73 -14.42 -20.14
N ALA C 121 -44.60 -13.19 -19.65
CA ALA C 121 -45.69 -12.57 -18.91
C ALA C 121 -46.90 -12.35 -19.82
N CYS C 122 -46.65 -12.05 -21.10
CA CYS C 122 -47.73 -11.81 -22.04
C CYS C 122 -48.43 -13.11 -22.46
N ILE C 123 -47.67 -14.19 -22.52
CA ILE C 123 -48.21 -15.48 -22.89
C ILE C 123 -49.04 -16.10 -21.75
N ARG C 124 -48.57 -15.93 -20.51
CA ARG C 124 -49.27 -16.49 -19.35
C ARG C 124 -50.38 -15.60 -18.82
N GLY C 125 -50.36 -14.32 -19.22
CA GLY C 125 -51.38 -13.40 -18.76
C GLY C 125 -51.09 -12.92 -17.35
N TYR C 126 -49.81 -12.93 -16.97
CA TYR C 126 -49.39 -12.47 -15.65
C TYR C 126 -49.15 -10.96 -15.62
N ASN C 127 -50.22 -10.21 -15.44
CA ASN C 127 -50.18 -8.75 -15.34
C ASN C 127 -49.53 -7.96 -16.48
N PRO C 128 -49.72 -8.39 -17.74
CA PRO C 128 -49.14 -7.71 -18.92
C PRO C 128 -49.34 -6.19 -18.93
N GLY C 129 -50.57 -5.75 -18.73
CA GLY C 129 -50.86 -4.33 -18.76
C GLY C 129 -50.17 -3.49 -17.71
N LEU C 130 -50.05 -4.01 -16.49
CA LEU C 130 -49.39 -3.25 -15.43
C LEU C 130 -47.87 -3.27 -15.48
N LEU C 131 -47.31 -4.37 -15.97
CA LEU C 131 -45.86 -4.50 -15.99
C LEU C 131 -45.13 -4.39 -17.32
N VAL C 132 -45.85 -4.56 -18.43
CA VAL C 132 -45.19 -4.47 -19.72
C VAL C 132 -45.60 -3.20 -20.47
N HIS C 133 -46.89 -3.05 -20.75
CA HIS C 133 -47.37 -1.87 -21.45
C HIS C 133 -48.89 -1.73 -21.31
N SER C 134 -49.32 -0.51 -21.02
CA SER C 134 -50.74 -0.15 -20.83
C SER C 134 -51.75 -0.81 -21.76
N ASP C 135 -51.47 -0.84 -23.06
CA ASP C 135 -52.45 -1.44 -23.97
C ASP C 135 -52.16 -2.90 -24.25
N LEU C 136 -51.90 -3.66 -23.20
CA LEU C 136 -51.62 -5.09 -23.32
C LEU C 136 -52.45 -5.81 -22.26
N ALA C 137 -53.20 -5.04 -21.49
CA ALA C 137 -54.05 -5.57 -20.44
C ALA C 137 -55.09 -6.54 -21.01
N TYR C 138 -55.41 -6.38 -22.28
CA TYR C 138 -56.39 -7.25 -22.91
C TYR C 138 -55.92 -8.70 -22.88
N LEU C 139 -54.66 -8.89 -22.49
CA LEU C 139 -54.10 -10.24 -22.41
C LEU C 139 -54.21 -10.73 -20.97
N GLN C 140 -55.35 -11.31 -20.62
CA GLN C 140 -55.55 -11.83 -19.28
C GLN C 140 -55.57 -13.35 -19.28
N ALA C 141 -54.88 -13.94 -18.31
CA ALA C 141 -54.77 -15.38 -18.18
C ALA C 141 -56.11 -16.12 -18.23
N GLU C 142 -56.59 -16.37 -19.45
CA GLU C 142 -57.86 -17.08 -19.65
C GLU C 142 -57.54 -18.56 -19.85
N GLY C 143 -57.03 -19.21 -18.79
CA GLY C 143 -56.66 -20.61 -18.91
C GLY C 143 -55.59 -20.64 -19.99
N GLY C 144 -54.94 -19.50 -20.14
CA GLY C 144 -53.92 -19.31 -21.15
C GLY C 144 -54.34 -18.10 -21.95
N GLY C 145 -54.23 -16.92 -21.33
CA GLY C 145 -54.62 -15.68 -21.97
C GLY C 145 -53.81 -15.37 -23.22
N ASP C 146 -54.22 -15.97 -24.33
CA ASP C 146 -53.56 -15.81 -25.62
C ASP C 146 -52.19 -16.48 -25.61
N ARG C 147 -52.24 -17.81 -25.67
CA ARG C 147 -51.05 -18.66 -25.66
C ARG C 147 -50.14 -18.41 -26.87
N GLN C 148 -50.60 -17.60 -27.81
CA GLN C 148 -49.80 -17.29 -29.00
C GLN C 148 -49.83 -15.81 -29.37
N LEU C 149 -48.72 -15.13 -29.07
CA LEU C 149 -48.58 -13.71 -29.33
C LEU C 149 -48.60 -13.36 -30.81
N THR C 150 -49.37 -12.31 -31.14
CA THR C 150 -49.49 -11.84 -32.51
C THR C 150 -48.21 -11.10 -32.87
N ASP C 151 -48.12 -10.63 -34.11
CA ASP C 151 -46.92 -9.90 -34.52
C ASP C 151 -46.91 -8.50 -33.94
N ARG C 152 -48.07 -7.87 -33.88
CA ARG C 152 -48.15 -6.52 -33.34
C ARG C 152 -47.80 -6.54 -31.85
N GLU C 153 -48.11 -7.64 -31.18
CA GLU C 153 -47.83 -7.74 -29.75
C GLU C 153 -46.31 -7.83 -29.49
N LYS C 154 -45.61 -8.63 -30.28
CA LYS C 154 -44.17 -8.76 -30.12
C LYS C 154 -43.54 -7.39 -30.34
N GLU C 155 -44.18 -6.56 -31.15
CA GLU C 155 -43.67 -5.22 -31.44
C GLU C 155 -43.79 -4.36 -30.21
N ILE C 156 -44.95 -4.44 -29.57
CA ILE C 156 -45.21 -3.68 -28.35
C ILE C 156 -44.15 -4.03 -27.30
N ILE C 157 -43.91 -5.34 -27.13
CA ILE C 157 -42.91 -5.81 -26.17
C ILE C 157 -41.55 -5.22 -26.50
N ARG C 158 -41.17 -5.29 -27.78
CA ARG C 158 -39.88 -4.78 -28.25
C ARG C 158 -39.73 -3.28 -27.92
N GLN C 159 -40.77 -2.50 -28.13
CA GLN C 159 -40.70 -1.08 -27.83
C GLN C 159 -40.61 -0.87 -26.32
N ALA C 160 -41.37 -1.67 -25.58
CA ALA C 160 -41.38 -1.59 -24.13
C ALA C 160 -40.02 -1.97 -23.56
N ALA C 161 -39.49 -3.10 -24.01
CA ALA C 161 -38.20 -3.55 -23.52
C ALA C 161 -37.12 -2.49 -23.73
N VAL C 162 -37.06 -1.92 -24.93
CA VAL C 162 -36.04 -0.91 -25.20
C VAL C 162 -36.19 0.34 -24.32
N GLN C 163 -37.41 0.85 -24.22
CA GLN C 163 -37.66 2.04 -23.42
C GLN C 163 -37.38 1.80 -21.93
N GLN C 164 -37.80 0.65 -21.42
CA GLN C 164 -37.61 0.31 -20.01
C GLN C 164 -36.20 -0.11 -19.62
N THR C 165 -35.33 -0.36 -20.59
CA THR C 165 -33.97 -0.78 -20.29
C THR C 165 -33.00 0.38 -20.16
N LYS C 166 -33.41 1.56 -20.61
CA LYS C 166 -32.55 2.73 -20.52
C LYS C 166 -32.47 3.27 -19.09
N GLU C 167 -33.29 2.71 -18.20
CA GLU C 167 -33.29 3.15 -16.81
C GLU C 167 -33.78 2.11 -15.82
N MET C 168 -33.07 1.00 -15.74
CA MET C 168 -33.42 -0.04 -14.80
C MET C 168 -32.29 -0.12 -13.78
N ASP C 169 -32.64 -0.09 -12.50
CA ASP C 169 -31.64 -0.18 -11.43
C ASP C 169 -31.45 -1.66 -11.10
N LEU C 170 -30.28 -2.18 -11.43
CA LEU C 170 -29.96 -3.57 -11.22
C LEU C 170 -29.68 -3.93 -9.74
N SER C 171 -29.61 -2.92 -8.88
CA SER C 171 -29.33 -3.15 -7.46
C SER C 171 -30.54 -3.11 -6.54
N VAL C 172 -31.72 -2.86 -7.08
CA VAL C 172 -32.93 -2.80 -6.28
C VAL C 172 -34.04 -3.54 -6.99
N VAL C 173 -34.86 -4.26 -6.22
CA VAL C 173 -35.94 -5.00 -6.82
C VAL C 173 -37.07 -5.10 -5.81
N ARG C 174 -38.27 -5.41 -6.29
CA ARG C 174 -39.42 -5.55 -5.40
C ARG C 174 -40.19 -6.79 -5.80
N LEU C 175 -40.91 -7.36 -4.84
CA LEU C 175 -41.71 -8.53 -5.11
C LEU C 175 -43.16 -8.09 -5.32
N MET C 176 -43.82 -8.70 -6.28
CA MET C 176 -45.22 -8.38 -6.52
C MET C 176 -45.97 -9.68 -6.47
N PHE C 177 -46.91 -9.78 -5.55
CA PHE C 177 -47.68 -11.01 -5.43
C PHE C 177 -49.03 -10.86 -6.10
N THR C 178 -49.42 -11.89 -6.85
CA THR C 178 -50.71 -11.88 -7.50
C THR C 178 -51.41 -13.19 -7.26
N ALA C 179 -52.65 -13.09 -6.80
CA ALA C 179 -53.46 -14.26 -6.50
C ALA C 179 -54.52 -14.46 -7.57
N PHE C 180 -54.80 -15.72 -7.88
CA PHE C 180 -55.80 -16.07 -8.87
C PHE C 180 -56.75 -17.07 -8.23
N LEU C 181 -58.06 -16.85 -8.40
CA LEU C 181 -59.07 -17.75 -7.84
C LEU C 181 -59.74 -18.55 -8.95
N PRO C 182 -60.09 -19.81 -8.67
CA PRO C 182 -60.74 -20.68 -9.66
C PRO C 182 -62.02 -20.11 -10.24
N ASP C 183 -62.18 -20.29 -11.55
CA ASP C 183 -63.35 -19.80 -12.28
C ASP C 183 -64.40 -20.90 -12.41
N SER C 184 -65.36 -20.68 -13.30
CA SER C 184 -66.43 -21.64 -13.52
C SER C 184 -65.90 -23.03 -13.88
N THR C 185 -64.87 -23.07 -14.73
CA THR C 185 -64.29 -24.32 -15.18
C THR C 185 -63.32 -24.91 -14.15
N GLY C 186 -62.80 -24.05 -13.29
CA GLY C 186 -61.86 -24.49 -12.28
C GLY C 186 -60.45 -24.00 -12.53
N SER C 187 -60.24 -23.36 -13.67
CA SER C 187 -58.93 -22.82 -14.01
C SER C 187 -58.71 -21.53 -13.24
N PHE C 188 -57.54 -21.43 -12.59
CA PHE C 188 -57.21 -20.25 -11.79
C PHE C 188 -57.01 -19.02 -12.66
N THR C 189 -58.11 -18.36 -13.01
CA THR C 189 -58.07 -17.19 -13.87
C THR C 189 -58.60 -15.90 -13.24
N ARG C 190 -59.36 -16.00 -12.16
CA ARG C 190 -59.90 -14.81 -11.49
C ARG C 190 -58.79 -14.08 -10.76
N ARG C 191 -58.42 -12.91 -11.25
CA ARG C 191 -57.33 -12.14 -10.64
C ARG C 191 -57.73 -11.19 -9.52
N LEU C 192 -56.89 -11.09 -8.51
CA LEU C 192 -57.14 -10.15 -7.42
C LEU C 192 -56.10 -9.05 -7.55
N GLU C 193 -56.39 -7.89 -6.99
CA GLU C 193 -55.46 -6.77 -7.05
C GLU C 193 -54.10 -7.22 -6.56
N PRO C 194 -53.07 -7.19 -7.44
CA PRO C 194 -51.77 -7.62 -6.92
C PRO C 194 -51.25 -6.62 -5.92
N VAL C 195 -50.36 -7.06 -5.05
CA VAL C 195 -49.78 -6.16 -4.06
C VAL C 195 -48.27 -6.28 -4.10
N VAL C 196 -47.60 -5.14 -4.17
CA VAL C 196 -46.14 -5.09 -4.24
C VAL C 196 -45.58 -4.92 -2.84
N SER C 197 -44.38 -5.45 -2.63
CA SER C 197 -43.70 -5.43 -1.34
C SER C 197 -42.70 -4.32 -1.21
N ASP C 198 -42.10 -4.22 -0.03
CA ASP C 198 -41.07 -3.23 0.20
C ASP C 198 -39.94 -3.54 -0.77
N ALA C 199 -39.00 -2.60 -0.90
CA ALA C 199 -37.86 -2.78 -1.81
C ALA C 199 -36.73 -3.58 -1.19
N ILE C 200 -36.04 -4.34 -2.02
CA ILE C 200 -34.93 -5.20 -1.58
C ILE C 200 -33.63 -4.73 -2.24
N TYR C 201 -32.68 -4.29 -1.42
CA TYR C 201 -31.42 -3.77 -1.91
C TYR C 201 -30.29 -4.78 -1.88
N ASP C 202 -29.63 -4.94 -3.03
CA ASP C 202 -28.50 -5.85 -3.19
C ASP C 202 -27.30 -5.41 -2.33
N SER C 203 -26.82 -6.33 -1.51
CA SER C 203 -25.69 -6.08 -0.64
C SER C 203 -24.41 -5.93 -1.44
N LYS C 204 -24.44 -6.40 -2.70
CA LYS C 204 -23.27 -6.30 -3.55
C LYS C 204 -23.46 -5.30 -4.68
N ALA C 205 -24.27 -4.29 -4.40
CA ALA C 205 -24.52 -3.21 -5.34
C ALA C 205 -23.22 -2.41 -5.48
N PRO C 206 -23.05 -1.71 -6.60
CA PRO C 206 -21.86 -0.89 -6.84
C PRO C 206 -21.62 0.05 -5.67
N ASN C 207 -20.37 0.15 -5.22
CA ASN C 207 -20.00 1.02 -4.10
C ASN C 207 -20.61 0.69 -2.73
N ALA C 208 -21.20 -0.50 -2.60
CA ALA C 208 -21.81 -0.91 -1.34
C ALA C 208 -20.86 -0.70 -0.16
N SER C 209 -19.83 -1.53 -0.06
CA SER C 209 -18.87 -1.40 1.03
C SER C 209 -17.49 -1.25 0.41
N ASN C 210 -17.14 0.00 0.14
CA ASN C 210 -15.87 0.34 -0.48
C ASN C 210 -14.65 0.07 0.37
N LEU C 211 -14.64 0.56 1.61
CA LEU C 211 -13.50 0.31 2.49
C LEU C 211 -13.39 -1.21 2.75
N LYS C 212 -12.17 -1.74 2.88
CA LYS C 212 -12.04 -3.18 3.11
C LYS C 212 -10.69 -3.62 3.65
N ILE C 213 -10.74 -4.38 4.74
CA ILE C 213 -9.52 -4.92 5.35
C ILE C 213 -9.29 -6.29 4.72
N VAL C 214 -8.22 -6.42 3.94
CA VAL C 214 -7.91 -7.68 3.28
C VAL C 214 -7.26 -8.66 4.23
N ARG C 215 -6.28 -8.19 5.00
CA ARG C 215 -5.61 -9.06 5.96
C ARG C 215 -4.79 -8.28 6.97
N MET C 216 -4.56 -8.89 8.12
CA MET C 216 -3.79 -8.28 9.20
C MET C 216 -2.81 -9.33 9.66
N ASP C 217 -1.56 -8.92 9.87
CA ASP C 217 -0.54 -9.87 10.28
C ASP C 217 -0.80 -10.42 11.69
N ARG C 218 -1.66 -9.73 12.44
CA ARG C 218 -2.02 -10.16 13.80
C ARG C 218 -3.50 -9.91 14.05
N THR C 219 -4.22 -10.89 14.59
CA THR C 219 -5.65 -10.69 14.90
C THR C 219 -5.94 -10.80 16.41
N ALA C 220 -4.90 -10.72 17.22
CA ALA C 220 -5.06 -10.81 18.66
C ALA C 220 -3.93 -10.02 19.30
N GLY C 221 -4.15 -9.57 20.53
CA GLY C 221 -3.14 -8.79 21.20
C GLY C 221 -3.48 -8.57 22.67
N CYS C 222 -2.51 -8.02 23.39
CA CYS C 222 -2.65 -7.76 24.81
C CYS C 222 -3.53 -6.55 25.11
N VAL C 223 -4.36 -6.67 26.15
CA VAL C 223 -5.26 -5.60 26.60
C VAL C 223 -4.48 -4.32 26.85
N THR C 224 -3.20 -4.47 27.15
CA THR C 224 -2.33 -3.35 27.40
C THR C 224 -2.22 -2.41 26.21
N GLY C 225 -2.34 -2.96 25.00
CA GLY C 225 -2.23 -2.14 23.80
C GLY C 225 -0.80 -1.81 23.39
N GLY C 226 -0.65 -0.84 22.51
CA GLY C 226 0.68 -0.44 22.05
C GLY C 226 1.40 -1.42 21.16
N GLU C 227 0.73 -2.48 20.71
CA GLU C 227 1.36 -3.47 19.84
C GLU C 227 1.18 -3.12 18.38
N GLU C 228 2.28 -3.17 17.63
CA GLU C 228 2.27 -2.83 16.23
C GLU C 228 1.62 -3.90 15.36
N ILE C 229 0.81 -3.45 14.41
CA ILE C 229 0.14 -4.37 13.49
C ILE C 229 0.23 -3.87 12.06
N TYR C 230 0.37 -4.80 11.12
CA TYR C 230 0.42 -4.45 9.70
C TYR C 230 -0.92 -4.83 9.08
N LEU C 231 -1.66 -3.85 8.57
CA LEU C 231 -2.96 -4.08 7.97
C LEU C 231 -2.97 -3.77 6.46
N LEU C 232 -3.41 -4.73 5.66
CA LEU C 232 -3.47 -4.54 4.20
C LEU C 232 -4.93 -4.28 3.85
N CYS C 233 -5.17 -3.14 3.22
CA CYS C 233 -6.53 -2.73 2.87
C CYS C 233 -6.69 -2.35 1.42
N ASP C 234 -7.92 -2.02 1.02
CA ASP C 234 -8.14 -1.55 -0.34
C ASP C 234 -7.87 -0.04 -0.28
N LYS C 235 -7.90 0.64 -1.43
CA LYS C 235 -7.59 2.07 -1.48
C LYS C 235 -8.19 2.92 -0.37
N VAL C 236 -7.34 3.73 0.28
CA VAL C 236 -7.77 4.64 1.34
C VAL C 236 -6.99 5.97 1.24
N GLN C 237 -7.53 7.02 1.86
CA GLN C 237 -6.89 8.32 1.84
C GLN C 237 -6.18 8.53 3.17
N LYS C 238 -4.85 8.51 3.13
CA LYS C 238 -4.01 8.67 4.32
C LYS C 238 -4.52 9.68 5.34
N ASP C 239 -5.03 10.81 4.86
CA ASP C 239 -5.52 11.86 5.75
C ASP C 239 -6.98 11.72 6.13
N ASP C 240 -7.68 10.75 5.55
CA ASP C 240 -9.09 10.56 5.86
C ASP C 240 -9.40 9.09 6.13
N ILE C 241 -8.68 8.52 7.09
CA ILE C 241 -8.87 7.11 7.44
C ILE C 241 -8.45 6.87 8.88
N GLN C 242 -9.08 5.89 9.50
CA GLN C 242 -8.77 5.53 10.88
C GLN C 242 -9.15 4.08 11.13
N ILE C 243 -8.57 3.50 12.17
CA ILE C 243 -8.83 2.11 12.54
C ILE C 243 -9.65 2.11 13.82
N ARG C 244 -10.88 1.62 13.74
CA ARG C 244 -11.76 1.60 14.89
C ARG C 244 -11.92 0.19 15.46
N PHE C 245 -11.72 0.06 16.76
CA PHE C 245 -11.91 -1.20 17.46
C PHE C 245 -13.17 -0.95 18.30
N TYR C 246 -14.10 -1.90 18.27
CA TYR C 246 -15.33 -1.75 19.04
C TYR C 246 -15.84 -3.06 19.63
N GLU C 247 -16.58 -2.92 20.72
CA GLU C 247 -17.18 -4.07 21.38
C GLU C 247 -18.58 -3.69 21.85
N GLU C 248 -19.59 -4.43 21.40
CA GLU C 248 -20.94 -4.12 21.84
C GLU C 248 -21.18 -4.73 23.21
N GLU C 249 -21.48 -3.85 24.17
CA GLU C 249 -21.72 -4.20 25.56
C GLU C 249 -23.04 -4.92 25.79
N GLU C 250 -23.30 -5.23 27.07
CA GLU C 250 -24.51 -5.91 27.49
C GLU C 250 -25.73 -5.03 27.27
N ASN C 251 -25.74 -3.87 27.91
CA ASN C 251 -26.82 -2.92 27.76
C ASN C 251 -26.72 -2.30 26.37
N GLY C 252 -27.13 -1.04 26.25
CA GLY C 252 -27.03 -0.38 24.95
C GLY C 252 -25.71 0.34 24.79
N GLY C 253 -24.68 -0.18 25.45
CA GLY C 253 -23.38 0.45 25.38
C GLY C 253 -22.45 -0.11 24.33
N VAL C 254 -21.46 0.70 23.95
CA VAL C 254 -20.48 0.32 22.95
C VAL C 254 -19.11 0.91 23.29
N TRP C 255 -18.14 0.04 23.54
CA TRP C 255 -16.78 0.50 23.83
C TRP C 255 -16.12 0.78 22.49
N GLU C 256 -15.29 1.81 22.46
CA GLU C 256 -14.58 2.20 21.24
C GLU C 256 -13.11 2.44 21.51
N GLY C 257 -12.28 2.08 20.56
CA GLY C 257 -10.85 2.30 20.68
C GLY C 257 -10.28 2.54 19.28
N PHE C 258 -9.25 3.36 19.18
CA PHE C 258 -8.66 3.64 17.87
C PHE C 258 -7.20 3.27 17.73
N GLY C 259 -6.88 2.66 16.60
CA GLY C 259 -5.51 2.28 16.34
C GLY C 259 -4.70 3.55 16.26
N ASP C 260 -3.47 3.50 16.73
CA ASP C 260 -2.64 4.68 16.72
C ASP C 260 -1.64 4.68 15.55
N PHE C 261 -1.71 5.72 14.73
CA PHE C 261 -0.80 5.88 13.59
C PHE C 261 -0.95 7.27 13.00
N SER C 262 -0.04 7.62 12.09
CA SER C 262 -0.08 8.92 11.44
C SER C 262 -0.14 8.71 9.95
N PRO C 263 -0.53 9.75 9.19
CA PRO C 263 -0.63 9.63 7.74
C PRO C 263 0.59 9.01 7.05
N THR C 264 1.77 9.24 7.59
CA THR C 264 2.97 8.68 7.00
C THR C 264 3.02 7.16 7.14
N ASP C 265 2.21 6.60 8.05
CA ASP C 265 2.19 5.16 8.24
C ASP C 265 1.27 4.48 7.22
N VAL C 266 0.51 5.27 6.47
CA VAL C 266 -0.37 4.73 5.45
C VAL C 266 0.55 4.57 4.24
N HIS C 267 0.88 3.31 3.92
CA HIS C 267 1.78 3.00 2.83
C HIS C 267 1.09 2.83 1.49
N ARG C 268 1.26 3.82 0.62
CA ARG C 268 0.69 3.80 -0.72
C ARG C 268 -0.82 3.61 -0.80
N GLN C 269 -1.54 4.06 0.22
CA GLN C 269 -2.99 3.93 0.24
C GLN C 269 -3.51 2.50 0.30
N PHE C 270 -2.61 1.52 0.35
CA PHE C 270 -3.03 0.11 0.39
C PHE C 270 -2.59 -0.68 1.62
N ALA C 271 -2.15 0.01 2.65
CA ALA C 271 -1.70 -0.67 3.87
C ALA C 271 -1.50 0.36 4.95
N ILE C 272 -1.63 -0.07 6.19
CA ILE C 272 -1.47 0.83 7.32
C ILE C 272 -0.73 0.13 8.45
N VAL C 273 0.29 0.77 8.99
CA VAL C 273 1.05 0.22 10.10
C VAL C 273 0.63 1.03 11.32
N PHE C 274 0.01 0.38 12.29
CA PHE C 274 -0.45 1.08 13.49
C PHE C 274 -0.18 0.29 14.76
N LYS C 275 -0.47 0.92 15.89
CA LYS C 275 -0.33 0.32 17.21
C LYS C 275 -1.72 0.16 17.85
N THR C 276 -1.98 -1.00 18.45
CA THR C 276 -3.28 -1.28 19.06
C THR C 276 -3.65 -0.38 20.22
N PRO C 277 -4.95 -0.08 20.35
CA PRO C 277 -5.35 0.77 21.47
C PRO C 277 -5.44 -0.08 22.71
N LYS C 278 -5.43 0.56 23.87
CA LYS C 278 -5.54 -0.13 25.15
C LYS C 278 -6.99 -0.61 25.22
N TYR C 279 -7.21 -1.82 25.73
CA TYR C 279 -8.58 -2.35 25.83
C TYR C 279 -9.32 -1.68 26.97
N LYS C 280 -10.64 -1.86 26.96
CA LYS C 280 -11.54 -1.29 27.96
C LYS C 280 -11.11 -1.61 29.40
N ASP C 281 -10.94 -2.89 29.68
CA ASP C 281 -10.54 -3.33 31.02
C ASP C 281 -9.23 -4.13 30.94
N VAL C 282 -8.13 -3.53 31.37
CA VAL C 282 -6.85 -4.21 31.32
C VAL C 282 -6.68 -5.26 32.42
N ASN C 283 -7.74 -5.54 33.16
CA ASN C 283 -7.68 -6.53 34.24
C ASN C 283 -8.59 -7.74 33.99
N ILE C 284 -8.98 -7.98 32.75
CA ILE C 284 -9.83 -9.12 32.47
C ILE C 284 -8.99 -10.37 32.71
N THR C 285 -9.65 -11.47 33.05
CA THR C 285 -8.92 -12.70 33.30
C THR C 285 -9.08 -13.68 32.14
N LYS C 286 -10.11 -13.47 31.34
CA LYS C 286 -10.34 -14.31 30.18
C LYS C 286 -10.30 -13.44 28.93
N PRO C 287 -9.91 -14.02 27.78
CA PRO C 287 -9.84 -13.23 26.56
C PRO C 287 -11.18 -12.60 26.18
N ALA C 288 -11.13 -11.45 25.51
CA ALA C 288 -12.33 -10.74 25.09
C ALA C 288 -12.35 -10.55 23.58
N SER C 289 -13.38 -11.03 22.91
CA SER C 289 -13.44 -10.89 21.47
C SER C 289 -14.11 -9.58 21.08
N VAL C 290 -13.43 -8.79 20.24
CA VAL C 290 -13.98 -7.52 19.82
C VAL C 290 -13.99 -7.46 18.28
N PHE C 291 -14.13 -6.27 17.73
CA PHE C 291 -14.14 -6.11 16.27
C PHE C 291 -13.25 -4.94 15.83
N VAL C 292 -12.73 -5.01 14.61
CA VAL C 292 -11.86 -3.97 14.05
C VAL C 292 -12.40 -3.59 12.70
N GLN C 293 -12.35 -2.30 12.37
CA GLN C 293 -12.84 -1.87 11.07
C GLN C 293 -12.16 -0.59 10.60
N LEU C 294 -12.12 -0.42 9.29
CA LEU C 294 -11.55 0.80 8.71
C LEU C 294 -12.71 1.78 8.75
N ARG C 295 -12.41 3.06 8.90
CA ARG C 295 -13.46 4.07 8.96
C ARG C 295 -12.96 5.38 8.37
N ARG C 296 -13.77 5.99 7.52
CA ARG C 296 -13.39 7.25 6.90
C ARG C 296 -13.85 8.35 7.85
N LYS C 297 -12.93 9.23 8.27
CA LYS C 297 -13.29 10.31 9.18
C LYS C 297 -14.29 11.24 8.50
N SER C 298 -14.09 11.43 7.21
CA SER C 298 -14.92 12.29 6.37
C SER C 298 -16.40 12.04 6.58
N ASP C 299 -16.91 10.98 5.94
CA ASP C 299 -18.33 10.65 6.02
C ASP C 299 -18.69 9.46 6.91
N LEU C 300 -17.78 9.07 7.79
CA LEU C 300 -18.01 7.94 8.69
C LEU C 300 -18.29 6.59 8.02
N GLU C 301 -17.88 6.43 6.77
CA GLU C 301 -18.06 5.17 6.08
C GLU C 301 -17.19 4.14 6.81
N THR C 302 -17.65 2.90 6.89
CA THR C 302 -16.89 1.85 7.56
C THR C 302 -16.84 0.61 6.71
N SER C 303 -15.83 -0.23 6.96
CA SER C 303 -15.71 -1.47 6.21
C SER C 303 -16.37 -2.54 7.07
N GLU C 304 -16.61 -3.71 6.49
CA GLU C 304 -17.19 -4.80 7.28
C GLU C 304 -16.23 -5.01 8.43
N PRO C 305 -16.74 -5.37 9.62
CA PRO C 305 -15.84 -5.58 10.74
C PRO C 305 -15.13 -6.92 10.68
N LYS C 306 -14.02 -7.02 11.39
CA LYS C 306 -13.27 -8.27 11.46
C LYS C 306 -13.00 -8.56 12.93
N PRO C 307 -13.02 -9.82 13.32
CA PRO C 307 -12.77 -10.15 14.73
C PRO C 307 -11.34 -9.91 15.17
N PHE C 308 -11.20 -9.51 16.44
CA PHE C 308 -9.90 -9.26 17.04
C PHE C 308 -10.02 -9.77 18.46
N LEU C 309 -8.98 -10.46 18.91
CA LEU C 309 -8.97 -11.04 20.24
C LEU C 309 -8.01 -10.35 21.22
N TYR C 310 -8.57 -9.79 22.28
CA TYR C 310 -7.78 -9.14 23.32
C TYR C 310 -7.55 -10.17 24.42
N TYR C 311 -6.31 -10.36 24.84
CA TYR C 311 -6.05 -11.31 25.91
C TYR C 311 -5.34 -10.62 27.06
N PRO C 312 -5.48 -11.17 28.28
CA PRO C 312 -4.88 -10.65 29.51
C PRO C 312 -3.37 -10.63 29.52
N GLU C 313 -2.80 -9.84 30.42
CA GLU C 313 -1.35 -9.74 30.51
C GLU C 313 -0.78 -10.75 31.50
N GLY D 1 60.45 10.80 -6.06
CA GLY D 1 61.85 11.31 -6.10
C GLY D 1 62.20 12.00 -4.78
N GLY D 2 61.54 13.12 -4.52
CA GLY D 2 61.78 13.87 -3.30
C GLY D 2 60.78 13.54 -2.20
N PRO D 3 60.60 14.43 -1.20
CA PRO D 3 59.67 14.20 -0.10
C PRO D 3 58.26 13.95 -0.64
N TYR D 4 57.51 13.08 0.02
CA TYR D 4 56.16 12.79 -0.42
C TYR D 4 55.29 12.48 0.78
N LEU D 5 53.98 12.48 0.56
CA LEU D 5 53.04 12.23 1.62
C LEU D 5 52.51 10.81 1.42
N GLN D 6 52.24 10.12 2.53
CA GLN D 6 51.73 8.75 2.45
C GLN D 6 50.65 8.47 3.48
N ILE D 7 49.55 7.88 3.02
CA ILE D 7 48.45 7.56 3.92
C ILE D 7 48.74 6.28 4.67
N LEU D 8 48.84 6.38 5.99
CA LEU D 8 49.12 5.24 6.85
C LEU D 8 47.85 4.46 7.15
N GLU D 9 46.75 5.18 7.32
CA GLU D 9 45.46 4.56 7.56
C GLU D 9 44.36 5.30 6.81
N GLN D 10 43.67 4.58 5.93
CA GLN D 10 42.60 5.15 5.13
C GLN D 10 41.35 5.36 5.98
N PRO D 11 40.47 6.28 5.58
CA PRO D 11 39.26 6.47 6.39
C PRO D 11 38.40 5.24 6.14
N LYS D 12 37.51 4.91 7.08
CA LYS D 12 36.64 3.75 6.86
C LYS D 12 35.70 4.19 5.75
N GLN D 13 35.45 3.30 4.80
CA GLN D 13 34.60 3.67 3.68
C GLN D 13 33.11 3.70 3.98
N ARG D 14 32.63 2.81 4.85
CA ARG D 14 31.20 2.77 5.15
C ARG D 14 30.78 2.77 6.60
N GLY D 15 29.56 3.28 6.84
CA GLY D 15 29.01 3.33 8.18
C GLY D 15 28.98 4.70 8.83
N PHE D 16 29.57 5.70 8.17
CA PHE D 16 29.60 7.05 8.73
C PHE D 16 28.48 7.91 8.18
N ARG D 17 27.91 8.74 9.06
CA ARG D 17 26.81 9.62 8.69
C ARG D 17 27.24 11.05 8.45
N PHE D 18 26.89 11.58 7.27
CA PHE D 18 27.21 12.96 6.94
C PHE D 18 26.17 13.77 7.71
N ARG D 19 26.59 14.92 8.24
CA ARG D 19 25.70 15.75 9.04
C ARG D 19 25.41 17.14 8.45
N TYR D 20 24.13 17.52 8.45
CA TYR D 20 23.73 18.82 7.93
C TYR D 20 23.94 19.87 9.01
N VAL D 21 24.03 21.14 8.60
CA VAL D 21 24.26 22.24 9.52
C VAL D 21 23.23 22.30 10.64
N CYS D 22 21.96 22.16 10.26
CA CYS D 22 20.85 22.22 11.20
C CYS D 22 20.82 21.09 12.23
N GLU D 23 21.69 20.10 12.07
CA GLU D 23 21.70 18.98 13.01
C GLU D 23 22.51 19.19 14.28
N GLY D 24 23.19 20.32 14.38
CA GLY D 24 23.99 20.57 15.58
C GLY D 24 25.40 20.05 15.45
N PRO D 25 26.27 20.32 16.44
CA PRO D 25 27.68 19.90 16.45
C PRO D 25 27.98 18.53 17.07
N SER D 26 29.26 18.19 17.03
CA SER D 26 29.82 16.95 17.56
C SER D 26 28.95 15.69 17.51
N HIS D 27 28.79 15.11 16.32
CA HIS D 27 28.00 13.90 16.20
C HIS D 27 28.89 12.67 16.02
N GLY D 28 30.20 12.86 16.19
CA GLY D 28 31.13 11.75 16.04
C GLY D 28 32.15 11.98 14.95
N GLY D 29 33.34 11.43 15.15
CA GLY D 29 34.39 11.59 14.17
C GLY D 29 34.52 10.49 13.13
N LEU D 30 35.07 10.85 11.98
CA LEU D 30 35.30 9.92 10.89
C LEU D 30 36.27 8.85 11.37
N PRO D 31 35.88 7.58 11.27
CA PRO D 31 36.69 6.44 11.70
C PRO D 31 37.76 6.01 10.68
N GLY D 32 38.89 5.53 11.19
CA GLY D 32 39.96 5.04 10.34
C GLY D 32 39.50 3.68 9.85
N ALA D 33 40.14 3.15 8.81
CA ALA D 33 39.71 1.85 8.27
C ALA D 33 39.93 0.64 9.18
N SER D 34 40.78 0.79 10.19
CA SER D 34 41.06 -0.30 11.11
C SER D 34 40.40 -0.06 12.46
N SER D 35 39.80 1.12 12.61
CA SER D 35 39.14 1.46 13.86
C SER D 35 38.14 0.41 14.33
N GLU D 36 38.06 0.25 15.64
CA GLU D 36 37.14 -0.71 16.26
C GLU D 36 36.47 -0.04 17.46
N LYS D 37 35.42 -0.67 17.98
CA LYS D 37 34.71 -0.11 19.12
C LYS D 37 35.61 -0.07 20.34
N ASN D 38 36.58 -0.99 20.38
CA ASN D 38 37.53 -1.06 21.48
C ASN D 38 38.79 -0.27 21.20
N LYS D 39 39.38 -0.51 20.03
CA LYS D 39 40.59 0.20 19.62
C LYS D 39 40.26 1.19 18.50
N LYS D 40 39.81 2.39 18.88
CA LYS D 40 39.44 3.41 17.90
C LYS D 40 40.62 4.05 17.17
N SER D 41 40.61 3.98 15.84
CA SER D 41 41.67 4.57 15.02
C SER D 41 41.09 5.63 14.10
N TYR D 42 41.96 6.43 13.49
CA TYR D 42 41.51 7.49 12.61
C TYR D 42 42.37 7.66 11.36
N PRO D 43 41.92 8.49 10.40
CA PRO D 43 42.71 8.70 9.18
C PRO D 43 44.09 9.13 9.64
N GLN D 44 45.13 8.70 8.94
CA GLN D 44 46.48 9.03 9.36
C GLN D 44 47.46 9.00 8.20
N VAL D 45 48.23 10.08 8.05
CA VAL D 45 49.20 10.17 6.98
C VAL D 45 50.60 10.41 7.54
N LYS D 46 51.61 10.24 6.68
CA LYS D 46 53.00 10.41 7.10
C LYS D 46 53.81 11.13 6.02
N ILE D 47 54.69 12.05 6.44
CA ILE D 47 55.55 12.74 5.50
C ILE D 47 56.86 11.95 5.48
N CYS D 48 57.24 11.46 4.31
CA CYS D 48 58.44 10.65 4.13
C CYS D 48 59.58 11.41 3.46
N ASN D 49 60.81 10.97 3.67
CA ASN D 49 62.00 11.61 3.10
C ASN D 49 62.14 13.09 3.45
N TYR D 50 61.70 13.44 4.65
CA TYR D 50 61.79 14.80 5.15
C TYR D 50 61.51 14.77 6.64
N VAL D 51 62.27 15.56 7.38
CA VAL D 51 62.11 15.64 8.82
C VAL D 51 62.24 17.09 9.23
N GLY D 52 61.19 17.63 9.81
CA GLY D 52 61.19 19.02 10.24
C GLY D 52 59.78 19.55 10.24
N PRO D 53 59.60 20.88 10.38
CA PRO D 53 58.25 21.46 10.38
C PRO D 53 57.59 21.27 9.03
N ALA D 54 56.26 21.19 9.03
CA ALA D 54 55.51 21.02 7.79
C ALA D 54 54.03 21.21 8.05
N LYS D 55 53.32 21.66 7.02
CA LYS D 55 51.90 21.89 7.13
C LYS D 55 51.18 20.89 6.24
N VAL D 56 50.09 20.35 6.75
CA VAL D 56 49.29 19.37 6.02
C VAL D 56 47.84 19.79 6.06
N ILE D 57 47.24 19.98 4.89
CA ILE D 57 45.84 20.37 4.84
C ILE D 57 45.02 19.22 4.27
N VAL D 58 43.75 19.14 4.67
CA VAL D 58 42.87 18.09 4.17
C VAL D 58 41.60 18.75 3.61
N GLN D 59 41.31 18.47 2.35
CA GLN D 59 40.13 19.01 1.69
C GLN D 59 39.23 17.87 1.27
N LEU D 60 37.96 18.16 1.09
CA LEU D 60 37.03 17.13 0.63
C LEU D 60 36.94 17.27 -0.88
N VAL D 61 37.07 16.16 -1.61
CA VAL D 61 37.01 16.19 -3.05
C VAL D 61 36.04 15.16 -3.60
N THR D 62 35.72 15.26 -4.89
CA THR D 62 34.76 14.36 -5.54
C THR D 62 35.32 13.00 -5.85
N ASN D 63 34.40 12.06 -6.11
CA ASN D 63 34.76 10.68 -6.41
C ASN D 63 34.55 10.32 -7.88
N GLY D 64 34.66 11.29 -8.77
CA GLY D 64 34.48 10.99 -10.19
C GLY D 64 35.78 10.63 -10.90
N LYS D 65 35.78 10.73 -12.22
CA LYS D 65 36.97 10.42 -13.01
C LYS D 65 37.94 11.58 -12.88
N ASN D 66 37.36 12.78 -12.83
CA ASN D 66 38.13 14.02 -12.71
C ASN D 66 37.95 14.63 -11.32
N ILE D 67 38.96 14.47 -10.49
CA ILE D 67 38.96 15.02 -9.13
C ILE D 67 38.61 16.52 -9.10
N HIS D 68 37.66 16.90 -8.25
CA HIS D 68 37.25 18.29 -8.10
C HIS D 68 36.92 18.60 -6.64
N LEU D 69 36.88 19.88 -6.30
CA LEU D 69 36.54 20.31 -4.94
C LEU D 69 35.12 19.85 -4.68
N HIS D 70 34.84 19.37 -3.47
CA HIS D 70 33.50 18.96 -3.15
C HIS D 70 32.81 20.12 -2.47
N ALA D 71 31.49 20.14 -2.53
CA ALA D 71 30.73 21.21 -1.91
C ALA D 71 30.65 21.01 -0.40
N HIS D 72 30.78 19.78 0.08
CA HIS D 72 30.72 19.52 1.51
C HIS D 72 31.90 20.11 2.24
N SER D 73 31.78 20.21 3.57
CA SER D 73 32.84 20.79 4.37
C SER D 73 33.31 19.87 5.47
N LEU D 74 34.61 19.92 5.74
CA LEU D 74 35.18 19.11 6.79
C LEU D 74 35.06 20.02 8.00
N VAL D 75 34.56 19.47 9.10
CA VAL D 75 34.39 20.29 10.29
C VAL D 75 34.85 19.55 11.53
N GLY D 76 35.15 20.30 12.58
CA GLY D 76 35.61 19.69 13.83
C GLY D 76 37.02 20.12 14.21
N LYS D 77 37.73 19.22 14.88
CA LYS D 77 39.11 19.46 15.33
C LYS D 77 40.04 20.06 14.26
N HIS D 78 40.52 21.27 14.52
CA HIS D 78 41.44 21.95 13.62
C HIS D 78 40.87 22.35 12.27
N CYS D 79 39.54 22.34 12.15
CA CYS D 79 38.91 22.71 10.89
C CYS D 79 38.37 24.13 10.86
N GLU D 80 38.39 24.72 9.66
CA GLU D 80 37.90 26.08 9.45
C GLU D 80 37.64 26.25 7.95
N ASP D 81 36.47 26.78 7.61
CA ASP D 81 36.10 26.98 6.22
C ASP D 81 36.12 25.68 5.41
N GLY D 82 35.70 24.59 6.04
CA GLY D 82 35.65 23.30 5.36
C GLY D 82 36.98 22.61 5.11
N VAL D 83 38.06 23.18 5.61
CA VAL D 83 39.38 22.57 5.42
C VAL D 83 40.06 22.32 6.75
N CYS D 84 40.74 21.18 6.86
CA CYS D 84 41.42 20.85 8.10
C CYS D 84 42.90 21.15 7.95
N THR D 85 43.45 21.93 8.88
CA THR D 85 44.87 22.30 8.83
C THR D 85 45.59 21.87 10.08
N VAL D 86 46.71 21.19 9.91
CA VAL D 86 47.47 20.71 11.07
C VAL D 86 48.96 20.75 10.75
N THR D 87 49.75 21.10 11.76
CA THR D 87 51.18 21.16 11.57
C THR D 87 51.81 19.85 12.00
N ALA D 88 52.60 19.26 11.11
CA ALA D 88 53.27 18.00 11.40
C ALA D 88 54.49 18.31 12.25
N GLY D 89 54.38 17.97 13.54
CA GLY D 89 55.45 18.20 14.49
C GLY D 89 56.84 18.18 13.88
N PRO D 90 57.72 19.10 14.30
CA PRO D 90 59.08 19.19 13.77
C PRO D 90 59.88 17.90 13.95
N LYS D 91 59.44 17.06 14.88
CA LYS D 91 60.10 15.78 15.13
C LYS D 91 59.18 14.65 14.72
N ASP D 92 57.93 14.71 15.19
CA ASP D 92 56.92 13.70 14.87
C ASP D 92 56.44 13.98 13.44
N MET D 93 56.75 13.08 12.51
CA MET D 93 56.36 13.27 11.12
C MET D 93 55.08 12.55 10.75
N VAL D 94 54.29 12.19 11.77
CA VAL D 94 53.03 11.51 11.55
C VAL D 94 51.87 12.32 12.12
N VAL D 95 50.78 12.38 11.37
CA VAL D 95 49.60 13.11 11.81
C VAL D 95 48.33 12.28 11.62
N GLY D 96 47.44 12.38 12.60
CA GLY D 96 46.19 11.66 12.58
C GLY D 96 45.06 12.67 12.57
N PHE D 97 43.86 12.19 12.29
CA PHE D 97 42.71 13.08 12.24
C PHE D 97 41.52 12.46 12.95
N ALA D 98 41.29 12.89 14.20
CA ALA D 98 40.19 12.39 15.00
C ALA D 98 39.18 13.51 15.25
N ASN D 99 37.98 13.12 15.67
CA ASN D 99 36.92 14.07 15.96
C ASN D 99 36.66 14.90 14.70
N LEU D 100 36.57 14.22 13.58
CA LEU D 100 36.35 14.86 12.29
C LEU D 100 34.98 14.47 11.72
N GLY D 101 34.20 15.47 11.30
CA GLY D 101 32.89 15.21 10.75
C GLY D 101 32.69 15.79 9.36
N ILE D 102 31.88 15.12 8.55
CA ILE D 102 31.60 15.55 7.19
C ILE D 102 30.28 16.32 7.14
N LEU D 103 30.36 17.63 6.92
CA LEU D 103 29.18 18.49 6.88
C LEU D 103 28.49 18.48 5.51
N HIS D 104 27.35 17.81 5.47
CA HIS D 104 26.55 17.65 4.25
C HIS D 104 25.79 18.92 3.90
N VAL D 105 26.19 19.63 2.85
CA VAL D 105 25.49 20.83 2.44
C VAL D 105 24.13 20.48 1.80
N THR D 106 23.26 21.48 1.66
CA THR D 106 21.94 21.25 1.07
C THR D 106 22.01 21.29 -0.45
N LYS D 107 21.06 20.64 -1.10
CA LYS D 107 21.07 20.60 -2.55
C LYS D 107 20.87 22.00 -3.09
N LYS D 108 20.45 22.90 -2.21
CA LYS D 108 20.19 24.28 -2.57
C LYS D 108 21.45 25.13 -2.59
N LYS D 109 22.39 24.84 -1.70
CA LYS D 109 23.61 25.63 -1.64
C LYS D 109 24.84 25.03 -2.32
N VAL D 110 24.65 24.00 -3.14
CA VAL D 110 25.79 23.37 -3.82
C VAL D 110 26.50 24.36 -4.72
N PHE D 111 25.74 25.00 -5.62
CA PHE D 111 26.32 25.94 -6.56
C PHE D 111 27.14 27.07 -5.95
N GLU D 112 26.52 27.88 -5.10
CA GLU D 112 27.23 29.00 -4.49
C GLU D 112 28.43 28.55 -3.70
N THR D 113 28.29 27.45 -2.97
CA THR D 113 29.40 26.93 -2.16
C THR D 113 30.53 26.41 -3.03
N LEU D 114 30.16 25.69 -4.08
CA LEU D 114 31.15 25.12 -4.98
C LEU D 114 31.93 26.23 -5.66
N GLU D 115 31.24 27.13 -6.35
CA GLU D 115 31.90 28.24 -7.03
C GLU D 115 32.49 29.19 -5.99
N ALA D 116 32.02 29.09 -4.74
CA ALA D 116 32.55 29.93 -3.68
C ALA D 116 34.03 29.58 -3.59
N ARG D 117 34.30 28.30 -3.30
CA ARG D 117 35.65 27.80 -3.16
C ARG D 117 36.36 27.83 -4.50
N MET D 118 35.75 27.18 -5.48
CA MET D 118 36.28 27.10 -6.84
C MET D 118 36.97 28.39 -7.29
N THR D 119 36.35 29.54 -7.02
CA THR D 119 36.92 30.84 -7.39
C THR D 119 38.03 31.27 -6.42
N GLU D 120 37.87 30.93 -5.15
CA GLU D 120 38.86 31.25 -4.11
C GLU D 120 40.24 30.66 -4.42
N ALA D 121 40.25 29.45 -4.95
CA ALA D 121 41.51 28.79 -5.30
C ALA D 121 42.23 29.63 -6.34
N CYS D 122 41.62 29.76 -7.52
CA CYS D 122 42.20 30.51 -8.64
C CYS D 122 43.01 31.76 -8.28
N ILE D 123 42.44 32.62 -7.44
CA ILE D 123 43.12 33.86 -7.02
C ILE D 123 44.39 33.59 -6.20
N ARG D 124 44.36 32.55 -5.37
CA ARG D 124 45.51 32.20 -4.53
C ARG D 124 46.38 31.14 -5.22
N GLY D 125 46.13 30.95 -6.50
CA GLY D 125 46.88 29.98 -7.28
C GLY D 125 47.07 28.63 -6.61
N TYR D 126 46.20 28.26 -5.68
CA TYR D 126 46.33 26.99 -5.00
C TYR D 126 46.45 25.85 -6.01
N ASN D 127 45.35 25.55 -6.70
CA ASN D 127 45.41 24.49 -7.70
C ASN D 127 44.24 24.53 -8.66
N PRO D 128 44.24 25.51 -9.56
CA PRO D 128 43.20 25.74 -10.56
C PRO D 128 42.97 24.56 -11.50
N GLY D 129 44.05 24.06 -12.10
CA GLY D 129 43.94 22.96 -13.04
C GLY D 129 43.63 21.58 -12.46
N LEU D 130 43.69 21.44 -11.14
CA LEU D 130 43.43 20.15 -10.52
C LEU D 130 42.01 20.08 -9.97
N LEU D 131 41.69 20.96 -9.04
CA LEU D 131 40.38 20.95 -8.42
C LEU D 131 39.38 21.97 -8.99
N VAL D 132 39.61 22.43 -10.21
CA VAL D 132 38.71 23.41 -10.82
C VAL D 132 38.51 23.17 -12.31
N HIS D 133 39.49 23.56 -13.13
CA HIS D 133 39.40 23.34 -14.57
C HIS D 133 40.76 23.25 -15.25
N SER D 134 40.79 22.58 -16.40
CA SER D 134 42.01 22.38 -17.18
C SER D 134 42.61 23.69 -17.70
N ASP D 135 42.00 24.28 -18.71
CA ASP D 135 42.49 25.53 -19.31
C ASP D 135 42.45 26.71 -18.34
N LEU D 136 42.83 26.45 -17.10
CA LEU D 136 42.84 27.46 -16.06
C LEU D 136 43.98 27.13 -15.11
N ALA D 137 44.82 26.17 -15.52
CA ALA D 137 45.95 25.73 -14.71
C ALA D 137 47.24 26.50 -15.00
N TYR D 138 47.11 27.74 -15.44
CA TYR D 138 48.29 28.56 -15.73
C TYR D 138 48.58 29.51 -14.57
N LEU D 139 47.88 29.32 -13.45
CA LEU D 139 48.10 30.15 -12.28
C LEU D 139 48.55 29.30 -11.09
N GLN D 140 49.85 29.02 -11.05
CA GLN D 140 50.42 28.22 -9.97
C GLN D 140 50.35 28.92 -8.62
N ALA D 141 50.76 28.20 -7.57
CA ALA D 141 50.73 28.72 -6.21
C ALA D 141 52.05 29.37 -5.78
N GLU D 142 51.93 30.45 -5.01
CA GLU D 142 53.09 31.18 -4.52
C GLU D 142 52.75 31.67 -3.11
N GLY D 143 52.38 30.73 -2.24
CA GLY D 143 52.03 31.08 -0.88
C GLY D 143 50.63 31.66 -0.81
N GLY D 144 49.97 31.72 -1.96
CA GLY D 144 48.62 32.25 -2.02
C GLY D 144 48.62 33.69 -2.51
N GLY D 145 48.43 34.62 -1.58
CA GLY D 145 48.41 36.03 -1.93
C GLY D 145 47.09 36.50 -2.50
N ASP D 146 47.08 36.79 -3.79
CA ASP D 146 45.88 37.28 -4.48
C ASP D 146 46.18 37.32 -5.98
N ARG D 147 45.25 37.85 -6.78
CA ARG D 147 45.47 37.95 -8.21
C ARG D 147 44.43 38.74 -9.00
N GLN D 148 43.14 38.52 -8.72
CA GLN D 148 42.07 39.22 -9.44
C GLN D 148 41.85 38.56 -10.80
N LEU D 149 40.71 37.91 -10.96
CA LEU D 149 40.41 37.20 -12.21
C LEU D 149 39.92 38.11 -13.34
N THR D 150 40.12 37.65 -14.58
CA THR D 150 39.67 38.39 -15.75
C THR D 150 38.25 37.91 -16.05
N ASP D 151 37.62 38.47 -17.07
CA ASP D 151 36.26 38.06 -17.41
C ASP D 151 36.24 36.65 -18.00
N ARG D 152 37.34 36.26 -18.66
CA ARG D 152 37.41 34.93 -19.26
C ARG D 152 37.62 33.85 -18.20
N GLU D 153 38.33 34.21 -17.13
CA GLU D 153 38.58 33.28 -16.03
C GLU D 153 37.32 33.10 -15.17
N LYS D 154 36.66 34.22 -14.85
CA LYS D 154 35.44 34.19 -14.05
C LYS D 154 34.38 33.36 -14.77
N GLU D 155 34.41 33.40 -16.12
CA GLU D 155 33.47 32.67 -16.96
C GLU D 155 33.75 31.15 -16.95
N ILE D 156 35.03 30.79 -17.00
CA ILE D 156 35.43 29.38 -16.96
C ILE D 156 35.06 28.82 -15.57
N ILE D 157 35.27 29.62 -14.55
CA ILE D 157 34.94 29.24 -13.17
C ILE D 157 33.43 29.04 -13.06
N ARG D 158 32.69 29.93 -13.73
CA ARG D 158 31.23 29.87 -13.73
C ARG D 158 30.71 28.62 -14.42
N GLN D 159 31.07 28.46 -15.69
CA GLN D 159 30.64 27.31 -16.47
C GLN D 159 31.03 25.99 -15.80
N ALA D 160 32.17 25.99 -15.12
CA ALA D 160 32.66 24.80 -14.44
C ALA D 160 31.86 24.54 -13.17
N ALA D 161 31.55 25.59 -12.42
CA ALA D 161 30.78 25.43 -11.19
C ALA D 161 29.38 24.94 -11.55
N VAL D 162 28.91 25.34 -12.73
CA VAL D 162 27.60 24.95 -13.20
C VAL D 162 27.60 23.46 -13.51
N GLN D 163 28.46 23.06 -14.43
CA GLN D 163 28.55 21.66 -14.82
C GLN D 163 28.85 20.75 -13.63
N GLN D 164 29.69 21.24 -12.72
CA GLN D 164 30.06 20.46 -11.55
C GLN D 164 28.98 20.32 -10.51
N THR D 165 27.98 21.21 -10.54
CA THR D 165 26.91 21.12 -9.55
C THR D 165 25.87 20.09 -9.98
N LYS D 166 25.57 20.02 -11.27
CA LYS D 166 24.58 19.07 -11.80
C LYS D 166 25.30 17.76 -12.10
N GLU D 167 26.41 17.53 -11.43
CA GLU D 167 27.23 16.35 -11.67
C GLU D 167 27.77 15.78 -10.36
N MET D 168 27.69 16.57 -9.30
CA MET D 168 28.21 16.17 -8.01
C MET D 168 27.31 15.21 -7.23
N ASP D 169 27.94 14.16 -6.68
CA ASP D 169 27.24 13.18 -5.88
C ASP D 169 27.40 13.59 -4.42
N LEU D 170 26.31 14.03 -3.80
CA LEU D 170 26.36 14.48 -2.41
C LEU D 170 26.52 13.35 -1.41
N SER D 171 26.43 12.10 -1.86
CA SER D 171 26.55 10.97 -0.95
C SER D 171 27.93 10.33 -0.88
N VAL D 172 28.87 10.80 -1.70
CA VAL D 172 30.21 10.23 -1.70
C VAL D 172 31.24 11.33 -1.67
N VAL D 173 32.29 11.13 -0.89
CA VAL D 173 33.33 12.13 -0.78
C VAL D 173 34.71 11.46 -0.62
N ARG D 174 35.78 12.19 -0.90
CA ARG D 174 37.13 11.67 -0.75
C ARG D 174 37.96 12.72 -0.05
N LEU D 175 38.99 12.27 0.67
CA LEU D 175 39.90 13.16 1.38
C LEU D 175 41.16 13.39 0.54
N MET D 176 41.61 14.63 0.47
CA MET D 176 42.82 14.91 -0.26
C MET D 176 43.81 15.57 0.69
N PHE D 177 44.97 14.94 0.87
CA PHE D 177 45.97 15.48 1.75
C PHE D 177 47.04 16.20 0.98
N THR D 178 47.36 17.41 1.41
CA THR D 178 48.41 18.19 0.75
C THR D 178 49.37 18.70 1.81
N ALA D 179 50.65 18.38 1.64
CA ALA D 179 51.67 18.80 2.60
C ALA D 179 52.48 19.96 2.03
N PHE D 180 52.88 20.86 2.91
CA PHE D 180 53.68 22.03 2.51
C PHE D 180 54.94 22.08 3.38
N LEU D 181 56.09 22.29 2.74
CA LEU D 181 57.36 22.38 3.45
C LEU D 181 57.85 23.81 3.49
N PRO D 182 58.51 24.21 4.59
CA PRO D 182 59.04 25.56 4.76
C PRO D 182 59.97 25.98 3.64
N ASP D 183 59.84 27.23 3.20
CA ASP D 183 60.68 27.74 2.12
C ASP D 183 61.82 28.56 2.71
N SER D 184 62.52 29.33 1.86
CA SER D 184 63.65 30.13 2.30
C SER D 184 63.30 31.07 3.46
N THR D 185 62.13 31.68 3.41
CA THR D 185 61.72 32.60 4.47
C THR D 185 61.13 31.86 5.66
N GLY D 186 60.67 30.63 5.43
CA GLY D 186 60.08 29.85 6.51
C GLY D 186 58.58 29.65 6.35
N SER D 187 57.99 30.26 5.33
CA SER D 187 56.56 30.12 5.08
C SER D 187 56.31 28.78 4.40
N PHE D 188 55.33 28.03 4.90
CA PHE D 188 55.02 26.72 4.34
C PHE D 188 54.41 26.86 2.96
N THR D 189 55.28 26.99 1.95
CA THR D 189 54.85 27.18 0.57
C THR D 189 55.30 26.08 -0.41
N ARG D 190 56.31 25.30 -0.04
CA ARG D 190 56.79 24.23 -0.91
C ARG D 190 55.78 23.09 -0.87
N ARG D 191 55.07 22.88 -1.98
CA ARG D 191 54.04 21.87 -2.05
C ARG D 191 54.50 20.49 -2.52
N LEU D 192 53.93 19.44 -1.93
CA LEU D 192 54.25 18.07 -2.29
C LEU D 192 53.06 17.49 -3.04
N GLU D 193 53.27 16.48 -3.88
CA GLU D 193 52.15 15.88 -4.61
C GLU D 193 51.06 15.48 -3.63
N PRO D 194 49.87 16.04 -3.80
CA PRO D 194 48.78 15.69 -2.89
C PRO D 194 48.34 14.28 -3.15
N VAL D 195 47.83 13.62 -2.11
CA VAL D 195 47.37 12.26 -2.25
C VAL D 195 45.93 12.15 -1.78
N VAL D 196 45.09 11.54 -2.61
CA VAL D 196 43.68 11.36 -2.32
C VAL D 196 43.52 10.01 -1.63
N SER D 197 42.49 9.88 -0.80
CA SER D 197 42.23 8.67 -0.06
C SER D 197 41.11 7.89 -0.70
N ASP D 198 40.74 6.79 -0.06
CA ASP D 198 39.61 5.97 -0.51
C ASP D 198 38.34 6.81 -0.36
N ALA D 199 37.28 6.36 -1.02
CA ALA D 199 35.99 7.01 -1.01
C ALA D 199 35.23 6.76 0.30
N ILE D 200 34.50 7.78 0.76
CA ILE D 200 33.69 7.69 1.98
C ILE D 200 32.23 7.82 1.58
N TYR D 201 31.46 6.79 1.88
CA TYR D 201 30.04 6.77 1.54
C TYR D 201 29.13 7.10 2.71
N ASP D 202 28.21 8.03 2.47
CA ASP D 202 27.24 8.49 3.47
C ASP D 202 26.21 7.41 3.83
N SER D 203 26.10 7.10 5.11
CA SER D 203 25.16 6.06 5.55
C SER D 203 23.72 6.55 5.40
N LYS D 204 23.55 7.86 5.21
CA LYS D 204 22.22 8.44 5.08
C LYS D 204 21.94 8.90 3.65
N ALA D 205 22.58 8.23 2.70
CA ALA D 205 22.42 8.52 1.28
C ALA D 205 21.05 8.04 0.87
N PRO D 206 20.53 8.54 -0.26
CA PRO D 206 19.21 8.15 -0.75
C PRO D 206 19.20 6.77 -1.36
N ASN D 207 18.02 6.18 -1.43
CA ASN D 207 17.85 4.87 -2.04
C ASN D 207 18.27 5.04 -3.49
N ALA D 208 18.96 4.05 -4.05
CA ALA D 208 19.39 4.17 -5.43
C ALA D 208 18.81 3.11 -6.37
N SER D 209 17.92 2.27 -5.86
CA SER D 209 17.31 1.26 -6.71
C SER D 209 15.82 1.54 -6.99
N ASN D 210 15.30 0.97 -8.07
CA ASN D 210 13.91 1.11 -8.44
C ASN D 210 13.07 0.26 -7.46
N LEU D 211 13.46 -0.99 -7.26
CA LEU D 211 12.80 -1.86 -6.31
C LEU D 211 13.13 -1.33 -4.91
N LYS D 212 12.22 -1.48 -3.96
CA LYS D 212 12.49 -0.96 -2.62
C LYS D 212 11.63 -1.54 -1.49
N ILE D 213 12.29 -1.99 -0.44
CA ILE D 213 11.61 -2.53 0.73
C ILE D 213 11.47 -1.38 1.72
N VAL D 214 10.23 -0.99 2.00
CA VAL D 214 9.98 0.11 2.92
C VAL D 214 9.92 -0.31 4.39
N ARG D 215 9.33 -1.46 4.66
CA ARG D 215 9.16 -1.92 6.04
C ARG D 215 8.85 -3.41 6.06
N MET D 216 9.26 -4.05 7.14
CA MET D 216 8.99 -5.47 7.35
C MET D 216 8.49 -5.55 8.80
N ASP D 217 7.39 -6.26 9.02
CA ASP D 217 6.84 -6.37 10.38
C ASP D 217 7.76 -7.17 11.29
N ARG D 218 8.69 -7.92 10.69
CA ARG D 218 9.64 -8.72 11.45
C ARG D 218 10.98 -8.70 10.72
N THR D 219 12.06 -8.48 11.48
CA THR D 219 13.41 -8.42 10.91
C THR D 219 14.32 -9.51 11.44
N ALA D 220 13.72 -10.51 12.07
CA ALA D 220 14.47 -11.63 12.63
C ALA D 220 13.56 -12.84 12.65
N GLY D 221 14.14 -14.03 12.72
CA GLY D 221 13.34 -15.24 12.73
C GLY D 221 14.17 -16.48 13.00
N CYS D 222 13.49 -17.60 13.23
CA CYS D 222 14.17 -18.84 13.51
C CYS D 222 14.77 -19.49 12.27
N VAL D 223 15.95 -20.07 12.44
CA VAL D 223 16.66 -20.75 11.35
C VAL D 223 15.79 -21.82 10.71
N THR D 224 14.78 -22.26 11.44
CA THR D 224 13.88 -23.29 10.96
C THR D 224 13.04 -22.82 9.79
N GLY D 225 12.79 -21.51 9.73
CA GLY D 225 12.00 -20.95 8.64
C GLY D 225 10.49 -21.14 8.79
N GLY D 226 9.78 -20.96 7.69
CA GLY D 226 8.34 -21.14 7.72
C GLY D 226 7.56 -20.09 8.48
N GLU D 227 8.23 -19.01 8.87
CA GLU D 227 7.59 -17.92 9.61
C GLU D 227 7.03 -16.83 8.69
N GLU D 228 5.76 -16.50 8.87
CA GLU D 228 5.08 -15.48 8.07
C GLU D 228 5.57 -14.07 8.31
N ILE D 229 5.73 -13.33 7.23
CA ILE D 229 6.21 -11.97 7.36
C ILE D 229 5.47 -11.06 6.42
N TYR D 230 5.21 -9.84 6.86
CA TYR D 230 4.53 -8.86 6.03
C TYR D 230 5.56 -7.82 5.59
N LEU D 231 5.73 -7.70 4.29
CA LEU D 231 6.68 -6.74 3.74
C LEU D 231 5.98 -5.71 2.86
N LEU D 232 6.24 -4.43 3.16
CA LEU D 232 5.68 -3.32 2.39
C LEU D 232 6.77 -2.85 1.43
N CYS D 233 6.46 -2.79 0.15
CA CYS D 233 7.44 -2.37 -0.86
C CYS D 233 6.85 -1.39 -1.85
N ASP D 234 7.70 -0.90 -2.75
CA ASP D 234 7.24 -0.01 -3.79
C ASP D 234 6.69 -0.90 -4.91
N LYS D 235 6.11 -0.27 -5.92
CA LYS D 235 5.52 -0.98 -7.06
C LYS D 235 6.29 -2.22 -7.53
N VAL D 236 5.59 -3.35 -7.59
CA VAL D 236 6.17 -4.61 -8.07
C VAL D 236 5.11 -5.38 -8.89
N GLN D 237 5.57 -6.29 -9.74
CA GLN D 237 4.68 -7.11 -10.55
C GLN D 237 4.56 -8.48 -9.88
N LYS D 238 3.37 -8.80 -9.38
CA LYS D 238 3.15 -10.05 -8.67
C LYS D 238 3.74 -11.30 -9.33
N ASP D 239 3.73 -11.35 -10.65
CA ASP D 239 4.28 -12.50 -11.36
C ASP D 239 5.77 -12.33 -11.68
N ASP D 240 6.31 -11.15 -11.40
CA ASP D 240 7.70 -10.90 -11.70
C ASP D 240 8.46 -10.38 -10.49
N ILE D 241 8.35 -11.08 -9.36
CA ILE D 241 9.04 -10.64 -8.16
C ILE D 241 9.31 -11.79 -7.19
N GLN D 242 10.36 -11.64 -6.41
CA GLN D 242 10.75 -12.63 -5.42
C GLN D 242 11.54 -11.97 -4.31
N ILE D 243 11.58 -12.65 -3.16
CA ILE D 243 12.31 -12.13 -2.01
C ILE D 243 13.51 -13.04 -1.77
N ARG D 244 14.69 -12.46 -1.93
CA ARG D 244 15.93 -13.20 -1.78
C ARG D 244 16.65 -12.94 -0.46
N PHE D 245 16.98 -14.01 0.25
CA PHE D 245 17.71 -13.94 1.52
C PHE D 245 19.12 -14.43 1.17
N TYR D 246 20.14 -13.68 1.56
CA TYR D 246 21.51 -14.08 1.23
C TYR D 246 22.52 -13.74 2.30
N GLU D 247 23.60 -14.53 2.33
CA GLU D 247 24.67 -14.33 3.28
C GLU D 247 26.03 -14.54 2.59
N GLU D 248 26.89 -13.53 2.69
CA GLU D 248 28.23 -13.61 2.11
C GLU D 248 29.00 -14.51 3.08
N GLU D 249 29.22 -15.75 2.68
CA GLU D 249 29.89 -16.73 3.51
C GLU D 249 31.36 -16.43 3.81
N GLU D 250 31.97 -17.30 4.62
CA GLU D 250 33.37 -17.18 5.01
C GLU D 250 34.30 -16.96 3.83
N ASN D 251 34.04 -17.69 2.75
CA ASN D 251 34.85 -17.60 1.53
C ASN D 251 34.04 -16.90 0.43
N GLY D 252 34.57 -16.93 -0.78
CA GLY D 252 33.88 -16.30 -1.90
C GLY D 252 32.52 -16.90 -2.18
N GLY D 253 32.06 -17.75 -1.26
CA GLY D 253 30.75 -18.38 -1.42
C GLY D 253 29.61 -17.51 -0.93
N VAL D 254 28.40 -17.82 -1.40
CA VAL D 254 27.22 -17.06 -1.02
C VAL D 254 26.01 -17.96 -0.85
N TRP D 255 25.46 -17.93 0.36
CA TRP D 255 24.27 -18.70 0.70
C TRP D 255 23.09 -17.93 0.16
N GLU D 256 22.12 -18.66 -0.41
CA GLU D 256 20.95 -18.04 -1.01
C GLU D 256 19.68 -18.77 -0.56
N GLY D 257 18.64 -17.99 -0.23
CA GLY D 257 17.36 -18.55 0.20
C GLY D 257 16.22 -17.67 -0.28
N PHE D 258 15.07 -18.26 -0.56
CA PHE D 258 13.93 -17.50 -1.05
C PHE D 258 12.65 -17.53 -0.22
N GLY D 259 12.05 -16.36 -0.08
CA GLY D 259 10.81 -16.25 0.67
C GLY D 259 9.73 -17.03 -0.05
N ASP D 260 8.91 -17.74 0.71
CA ASP D 260 7.86 -18.54 0.10
C ASP D 260 6.52 -17.81 0.01
N PHE D 261 6.01 -17.67 -1.21
CA PHE D 261 4.74 -17.01 -1.45
C PHE D 261 4.26 -17.24 -2.87
N SER D 262 3.01 -16.86 -3.13
CA SER D 262 2.39 -17.01 -4.44
C SER D 262 2.00 -15.63 -4.95
N PRO D 263 1.75 -15.51 -6.25
CA PRO D 263 1.37 -14.20 -6.75
C PRO D 263 0.16 -13.58 -6.05
N THR D 264 -0.75 -14.42 -5.57
CA THR D 264 -1.93 -13.89 -4.88
C THR D 264 -1.58 -13.27 -3.53
N ASP D 265 -0.37 -13.54 -3.03
CA ASP D 265 0.09 -12.97 -1.77
C ASP D 265 0.64 -11.56 -1.97
N VAL D 266 0.83 -11.17 -3.22
CA VAL D 266 1.32 -9.82 -3.52
C VAL D 266 0.06 -8.97 -3.49
N HIS D 267 -0.02 -8.13 -2.47
CA HIS D 267 -1.19 -7.28 -2.27
C HIS D 267 -1.12 -5.94 -2.99
N ARG D 268 -1.88 -5.83 -4.08
CA ARG D 268 -1.96 -4.62 -4.86
C ARG D 268 -0.60 -4.03 -5.27
N GLN D 269 0.35 -4.91 -5.57
CA GLN D 269 1.69 -4.50 -5.99
C GLN D 269 2.49 -3.69 -4.96
N PHE D 270 1.95 -3.48 -3.76
CA PHE D 270 2.66 -2.70 -2.76
C PHE D 270 2.98 -3.38 -1.45
N ALA D 271 2.88 -4.70 -1.44
CA ALA D 271 3.18 -5.45 -0.24
C ALA D 271 3.20 -6.91 -0.59
N ILE D 272 3.88 -7.70 0.22
CA ILE D 272 3.93 -9.14 0.00
C ILE D 272 3.90 -9.84 1.36
N VAL D 273 3.07 -10.87 1.44
CA VAL D 273 2.97 -11.69 2.64
C VAL D 273 3.65 -13.00 2.25
N PHE D 274 4.72 -13.35 2.95
CA PHE D 274 5.46 -14.56 2.63
C PHE D 274 5.97 -15.24 3.89
N LYS D 275 6.50 -16.45 3.72
CA LYS D 275 7.09 -17.21 4.82
C LYS D 275 8.62 -17.32 4.60
N THR D 276 9.38 -17.18 5.68
CA THR D 276 10.84 -17.24 5.60
C THR D 276 11.42 -18.58 5.16
N PRO D 277 12.57 -18.55 4.48
CA PRO D 277 13.19 -19.79 4.03
C PRO D 277 13.94 -20.38 5.20
N LYS D 278 14.25 -21.67 5.13
CA LYS D 278 15.02 -22.31 6.17
C LYS D 278 16.44 -21.76 6.02
N TYR D 279 17.13 -21.49 7.11
CA TYR D 279 18.50 -20.96 7.03
C TYR D 279 19.47 -22.07 6.62
N LYS D 280 20.68 -21.66 6.25
CA LYS D 280 21.74 -22.57 5.81
C LYS D 280 22.05 -23.67 6.81
N ASP D 281 22.31 -23.29 8.07
CA ASP D 281 22.63 -24.23 9.13
C ASP D 281 21.62 -24.09 10.27
N VAL D 282 20.71 -25.04 10.35
CA VAL D 282 19.67 -25.00 11.37
C VAL D 282 20.20 -25.40 12.75
N ASN D 283 21.53 -25.54 12.86
CA ASN D 283 22.16 -25.95 14.11
C ASN D 283 23.12 -24.92 14.68
N ILE D 284 23.04 -23.68 14.22
CA ILE D 284 23.93 -22.66 14.74
C ILE D 284 23.56 -22.46 16.20
N THR D 285 24.53 -22.00 16.98
CA THR D 285 24.35 -21.78 18.40
C THR D 285 24.22 -20.30 18.70
N LYS D 286 24.73 -19.49 17.77
CA LYS D 286 24.72 -18.04 17.89
C LYS D 286 23.91 -17.46 16.72
N PRO D 287 23.29 -16.28 16.93
CA PRO D 287 22.51 -15.66 15.86
C PRO D 287 23.38 -15.39 14.63
N ALA D 288 22.79 -15.41 13.44
CA ALA D 288 23.51 -15.14 12.19
C ALA D 288 22.83 -14.01 11.44
N SER D 289 23.57 -12.95 11.14
CA SER D 289 23.00 -11.81 10.43
C SER D 289 23.13 -12.03 8.94
N VAL D 290 22.02 -11.87 8.21
CA VAL D 290 22.04 -12.05 6.77
C VAL D 290 21.39 -10.84 6.13
N PHE D 291 20.98 -10.97 4.88
CA PHE D 291 20.35 -9.86 4.16
C PHE D 291 19.10 -10.31 3.42
N VAL D 292 18.16 -9.37 3.22
CA VAL D 292 16.92 -9.63 2.49
C VAL D 292 16.79 -8.58 1.41
N GLN D 293 16.35 -8.99 0.24
CA GLN D 293 16.19 -8.05 -0.84
C GLN D 293 15.12 -8.50 -1.82
N LEU D 294 14.50 -7.54 -2.49
CA LEU D 294 13.50 -7.86 -3.50
C LEU D 294 14.29 -8.07 -4.79
N ARG D 295 13.81 -8.93 -5.67
CA ARG D 295 14.48 -9.14 -6.95
C ARG D 295 13.48 -9.46 -8.04
N ARG D 296 13.67 -8.84 -9.20
CA ARG D 296 12.79 -9.09 -10.32
C ARG D 296 13.30 -10.33 -11.05
N LYS D 297 12.43 -11.32 -11.24
CA LYS D 297 12.78 -12.55 -11.91
C LYS D 297 13.21 -12.27 -13.34
N SER D 298 12.50 -11.33 -13.96
CA SER D 298 12.72 -10.94 -15.34
C SER D 298 14.15 -10.55 -15.67
N ASP D 299 14.58 -9.38 -15.20
CA ASP D 299 15.91 -8.86 -15.46
C ASP D 299 16.88 -8.93 -14.27
N LEU D 300 16.47 -9.64 -13.22
CA LEU D 300 17.28 -9.83 -12.02
C LEU D 300 17.69 -8.56 -11.30
N GLU D 301 16.94 -7.49 -11.51
CA GLU D 301 17.25 -6.24 -10.82
C GLU D 301 16.90 -6.49 -9.35
N THR D 302 17.62 -5.85 -8.43
CA THR D 302 17.38 -6.03 -7.01
C THR D 302 17.28 -4.71 -6.28
N SER D 303 16.75 -4.76 -5.06
CA SER D 303 16.63 -3.56 -4.24
C SER D 303 17.82 -3.60 -3.29
N GLU D 304 18.08 -2.48 -2.65
CA GLU D 304 19.18 -2.44 -1.71
C GLU D 304 18.82 -3.44 -0.62
N PRO D 305 19.82 -4.14 -0.09
CA PRO D 305 19.52 -5.13 0.95
C PRO D 305 19.10 -4.52 2.27
N LYS D 306 18.46 -5.36 3.08
CA LYS D 306 18.02 -4.99 4.41
C LYS D 306 18.53 -6.11 5.33
N PRO D 307 18.94 -5.77 6.56
CA PRO D 307 19.45 -6.79 7.49
C PRO D 307 18.35 -7.68 8.06
N PHE D 308 18.67 -8.96 8.24
CA PHE D 308 17.73 -9.93 8.79
C PHE D 308 18.51 -10.79 9.75
N LEU D 309 17.95 -11.06 10.91
CA LEU D 309 18.63 -11.88 11.91
C LEU D 309 18.02 -13.26 12.12
N TYR D 310 18.78 -14.29 11.81
CA TYR D 310 18.33 -15.66 12.00
C TYR D 310 18.84 -16.09 13.37
N TYR D 311 17.96 -16.69 14.17
CA TYR D 311 18.37 -17.15 15.50
C TYR D 311 18.10 -18.63 15.62
N PRO D 312 18.81 -19.30 16.56
CA PRO D 312 18.64 -20.74 16.76
C PRO D 312 17.35 -21.11 17.49
N GLU D 313 17.05 -22.40 17.53
CA GLU D 313 15.85 -22.89 18.21
C GLU D 313 16.24 -23.50 19.57
#